data_1KCG
#
_entry.id   1KCG
#
_cell.length_a   62.050
_cell.length_b   62.050
_cell.length_c   237.310
_cell.angle_alpha   90.00
_cell.angle_beta   90.00
_cell.angle_gamma   90.00
#
_symmetry.space_group_name_H-M   'P 43 21 2'
#
loop_
_entity.id
_entity.type
_entity.pdbx_description
1 polymer 'NKG2-D type II integral membrane protein'
2 polymer 'UL16-binding protein 3'
3 water water
#
loop_
_entity_poly.entity_id
_entity_poly.type
_entity_poly.pdbx_seq_one_letter_code
_entity_poly.pdbx_strand_id
1 'polypeptide(L)'
;ESYCGPCPKNWICYKNNCYQFFDESKNWYESQASCMSQNASLLKVYSKEDQDLLKLVKSYHWMGLVHIPTNGSWQWEDGS
ILSPNLLTIIEMQKGDCALYASSFKGYIENCSTPNTYICMQRTV
;
A,B
2 'polypeptide(L)'
;DAHSLWYNFTIIHLPRHGQQWCEVQSQVDQKNFLSYDCGSDKVLSMGHLEEQLYATDAWGKQLEMLREVGQRLRLELADT
ELEDFTPSGPLTLQVRMSCE(CGL)EADGYIRGSWQFSFDGRKFLLFDSNNRKWTVVHAGARRMKEKWEKDSGLTTFFKM
VSMRDCKSWLRDFLMHRKKRLE
;
C
#
# COMPACT_ATOMS: atom_id res chain seq x y z
N SER A 2 26.97 9.81 -0.92
CA SER A 2 26.95 10.55 -2.21
C SER A 2 26.88 9.57 -3.37
N TYR A 3 27.37 8.37 -3.11
CA TYR A 3 27.36 7.29 -4.10
C TYR A 3 26.77 6.06 -3.43
N CYS A 4 25.81 5.44 -4.10
CA CYS A 4 25.17 4.26 -3.52
C CYS A 4 25.94 3.01 -3.85
N GLY A 5 26.35 2.30 -2.80
CA GLY A 5 27.13 1.08 -2.89
C GLY A 5 27.07 0.29 -4.19
N PRO A 6 28.05 -0.59 -4.41
CA PRO A 6 28.10 -1.40 -5.64
C PRO A 6 26.81 -2.19 -5.88
N CYS A 7 26.28 -2.09 -7.11
CA CYS A 7 25.07 -2.79 -7.53
C CYS A 7 25.14 -3.09 -9.01
N PRO A 8 24.29 -4.02 -9.48
CA PRO A 8 24.29 -4.36 -10.92
C PRO A 8 23.75 -3.18 -11.73
N LYS A 9 23.40 -3.43 -12.97
CA LYS A 9 22.88 -2.36 -13.82
C LYS A 9 21.37 -2.30 -13.66
N ASN A 10 20.83 -1.10 -13.47
CA ASN A 10 19.39 -0.93 -13.34
C ASN A 10 18.76 -1.66 -12.15
N TRP A 11 19.43 -1.61 -11.00
CA TRP A 11 18.92 -2.22 -9.78
C TRP A 11 18.73 -1.12 -8.76
N ILE A 12 17.61 -1.15 -8.03
CA ILE A 12 17.39 -0.12 -7.03
C ILE A 12 18.47 -0.20 -5.96
N CYS A 13 19.11 0.93 -5.68
CA CYS A 13 20.14 0.99 -4.65
C CYS A 13 19.73 2.00 -3.60
N TYR A 14 19.79 1.59 -2.34
CA TYR A 14 19.42 2.44 -1.23
C TYR A 14 20.25 2.03 -0.03
N LYS A 15 21.03 2.97 0.49
CA LYS A 15 21.92 2.72 1.61
C LYS A 15 22.80 1.51 1.32
N ASN A 16 23.33 1.48 0.10
CA ASN A 16 24.22 0.41 -0.39
C ASN A 16 23.64 -0.99 -0.48
N ASN A 17 22.32 -1.09 -0.43
CA ASN A 17 21.69 -2.39 -0.60
C ASN A 17 21.22 -2.31 -2.04
N CYS A 18 21.08 -3.45 -2.70
CA CYS A 18 20.63 -3.48 -4.08
C CYS A 18 19.38 -4.33 -4.20
N TYR A 19 18.29 -3.69 -4.58
CA TYR A 19 17.05 -4.42 -4.71
C TYR A 19 16.63 -4.48 -6.17
N GLN A 20 15.77 -5.45 -6.47
CA GLN A 20 15.25 -5.63 -7.81
C GLN A 20 13.89 -6.31 -7.73
N PHE A 21 12.87 -5.59 -8.22
CA PHE A 21 11.50 -6.08 -8.22
C PHE A 21 11.13 -6.72 -9.54
N PHE A 22 10.91 -8.02 -9.55
CA PHE A 22 10.55 -8.69 -10.79
C PHE A 22 9.05 -8.83 -11.03
N ASP A 23 8.58 -8.12 -12.05
CA ASP A 23 7.17 -8.14 -12.45
C ASP A 23 6.64 -9.53 -12.79
N GLU A 24 7.53 -10.41 -13.21
CA GLU A 24 7.14 -11.76 -13.60
C GLU A 24 6.60 -12.52 -12.42
N SER A 25 5.51 -13.25 -12.64
CA SER A 25 4.87 -14.00 -11.58
C SER A 25 5.26 -15.46 -11.55
N LYS A 26 6.04 -15.86 -10.55
CA LYS A 26 6.46 -17.24 -10.40
C LYS A 26 6.33 -17.68 -8.95
N ASN A 27 6.51 -18.98 -8.68
CA ASN A 27 6.39 -19.48 -7.32
C ASN A 27 7.67 -19.26 -6.51
N TRP A 28 7.59 -19.43 -5.20
CA TRP A 28 8.75 -19.23 -4.35
C TRP A 28 9.97 -19.96 -4.89
N TYR A 29 9.88 -21.28 -4.99
CA TYR A 29 10.98 -22.11 -5.49
C TYR A 29 11.64 -21.47 -6.72
N GLU A 30 10.81 -21.12 -7.70
CA GLU A 30 11.31 -20.48 -8.90
C GLU A 30 11.92 -19.11 -8.62
N SER A 31 11.24 -18.31 -7.80
CA SER A 31 11.72 -16.97 -7.43
C SER A 31 13.11 -17.09 -6.81
N GLN A 32 13.26 -18.09 -5.95
CA GLN A 32 14.50 -18.39 -5.24
C GLN A 32 15.62 -18.55 -6.27
N ALA A 33 15.43 -19.53 -7.16
CA ALA A 33 16.40 -19.82 -8.21
C ALA A 33 16.72 -18.57 -9.03
N SER A 34 15.68 -17.84 -9.43
CA SER A 34 15.84 -16.63 -10.22
C SER A 34 16.87 -15.68 -9.60
N CYS A 35 16.71 -15.39 -8.32
CA CYS A 35 17.66 -14.51 -7.65
C CYS A 35 18.98 -15.23 -7.65
N MET A 36 18.95 -16.47 -7.17
CA MET A 36 20.12 -17.33 -7.09
C MET A 36 20.98 -17.19 -8.35
N SER A 37 20.34 -17.39 -9.50
CA SER A 37 20.99 -17.33 -10.79
C SER A 37 21.65 -16.00 -11.16
N GLN A 38 21.73 -15.07 -10.22
CA GLN A 38 22.36 -13.79 -10.50
C GLN A 38 23.02 -13.24 -9.24
N ASN A 39 23.90 -14.08 -8.69
CA ASN A 39 24.66 -13.78 -7.49
C ASN A 39 23.90 -12.96 -6.45
N ALA A 40 22.63 -13.31 -6.24
CA ALA A 40 21.81 -12.60 -5.27
C ALA A 40 20.86 -13.56 -4.56
N SER A 41 20.27 -13.10 -3.46
CA SER A 41 19.31 -13.85 -2.67
C SER A 41 17.93 -13.30 -2.99
N LEU A 42 16.93 -13.77 -2.27
CA LEU A 42 15.56 -13.30 -2.48
C LEU A 42 15.47 -11.89 -1.88
N LEU A 43 15.04 -11.78 -0.65
CA LEU A 43 14.94 -10.48 0.00
C LEU A 43 15.03 -10.81 1.47
N LYS A 44 16.02 -10.22 2.12
CA LYS A 44 16.20 -10.46 3.54
C LYS A 44 16.04 -9.14 4.31
N VAL A 45 15.10 -9.14 5.25
CA VAL A 45 14.86 -7.95 6.08
C VAL A 45 15.62 -8.09 7.40
N TYR A 46 16.57 -7.19 7.63
CA TYR A 46 17.37 -7.25 8.85
C TYR A 46 17.37 -5.92 9.58
N SER A 47 16.93 -4.87 8.90
CA SER A 47 16.90 -3.55 9.51
C SER A 47 15.78 -2.64 8.97
N LYS A 48 14.92 -2.18 9.87
CA LYS A 48 13.83 -1.29 9.49
C LYS A 48 14.39 0.05 9.02
N GLU A 49 15.47 0.48 9.68
CA GLU A 49 16.15 1.74 9.36
C GLU A 49 16.92 1.65 8.05
N ASP A 50 17.87 0.73 7.97
CA ASP A 50 18.65 0.53 6.75
C ASP A 50 17.80 0.16 5.55
N GLN A 51 16.64 -0.44 5.80
CA GLN A 51 15.75 -0.86 4.73
C GLN A 51 14.43 -0.14 4.87
N ASP A 52 14.54 1.17 4.94
CA ASP A 52 13.43 2.07 5.09
C ASP A 52 12.45 2.13 3.90
N LEU A 53 12.99 2.20 2.69
CA LEU A 53 12.18 2.30 1.50
C LEU A 53 11.13 1.20 1.35
N LEU A 54 11.33 0.07 2.04
CA LEU A 54 10.40 -1.03 1.95
C LEU A 54 8.98 -0.72 2.39
N LYS A 55 8.76 0.42 3.03
CA LYS A 55 7.42 0.77 3.46
C LYS A 55 6.69 1.64 2.44
N LEU A 56 7.28 1.81 1.26
CA LEU A 56 6.62 2.60 0.21
C LEU A 56 6.13 1.70 -0.90
N VAL A 57 6.62 0.45 -0.87
CA VAL A 57 6.26 -0.58 -1.84
C VAL A 57 4.81 -1.07 -1.70
N LYS A 58 4.13 -1.26 -2.82
CA LYS A 58 2.76 -1.76 -2.76
C LYS A 58 2.76 -3.21 -3.25
N SER A 59 1.62 -3.89 -3.09
CA SER A 59 1.45 -5.29 -3.51
C SER A 59 2.23 -6.28 -2.62
N TYR A 60 2.26 -7.55 -3.00
CA TYR A 60 2.97 -8.57 -2.21
C TYR A 60 4.09 -9.22 -3.03
N HIS A 61 5.21 -9.53 -2.38
CA HIS A 61 6.36 -10.11 -3.10
C HIS A 61 7.11 -11.18 -2.29
N TRP A 62 7.50 -12.29 -2.93
CA TRP A 62 8.21 -13.34 -2.22
C TRP A 62 9.46 -12.77 -1.56
N MET A 63 9.78 -13.28 -0.37
CA MET A 63 10.97 -12.91 0.39
C MET A 63 11.77 -14.19 0.55
N GLY A 64 12.98 -14.09 1.08
CA GLY A 64 13.81 -15.27 1.28
C GLY A 64 13.58 -15.91 2.63
N LEU A 65 12.32 -16.06 3.02
CA LEU A 65 11.97 -16.64 4.31
C LEU A 65 11.58 -18.10 4.16
N VAL A 66 12.09 -18.94 5.05
CA VAL A 66 11.81 -20.38 5.06
C VAL A 66 11.57 -20.80 6.50
N HIS A 67 10.43 -21.39 6.82
CA HIS A 67 10.24 -21.76 8.22
C HIS A 67 10.34 -23.22 8.55
N ILE A 68 10.51 -23.43 9.85
CA ILE A 68 10.63 -24.75 10.43
C ILE A 68 9.35 -24.90 11.23
N PRO A 69 8.32 -25.49 10.62
CA PRO A 69 7.02 -25.70 11.26
C PRO A 69 7.12 -26.71 12.40
N THR A 70 8.01 -26.42 13.34
CA THR A 70 8.22 -27.26 14.50
C THR A 70 8.57 -26.34 15.67
N ASN A 71 9.10 -25.17 15.33
CA ASN A 71 9.45 -24.16 16.31
C ASN A 71 8.62 -22.94 15.95
N GLY A 72 7.77 -23.12 14.93
CA GLY A 72 6.93 -22.04 14.46
C GLY A 72 7.81 -20.87 14.05
N SER A 73 9.13 -21.11 14.06
CA SER A 73 10.10 -20.08 13.72
C SER A 73 10.35 -19.99 12.23
N TRP A 74 10.97 -18.88 11.82
CA TRP A 74 11.32 -18.65 10.42
C TRP A 74 12.81 -18.32 10.37
N GLN A 75 13.43 -18.57 9.22
CA GLN A 75 14.85 -18.27 9.01
C GLN A 75 15.04 -17.89 7.56
N TRP A 76 16.09 -17.16 7.25
CA TRP A 76 16.30 -16.77 5.87
C TRP A 76 17.08 -17.84 5.12
N GLU A 77 17.18 -17.66 3.81
CA GLU A 77 17.91 -18.57 2.95
C GLU A 77 19.33 -18.77 3.46
N ASP A 78 20.02 -17.68 3.77
CA ASP A 78 21.39 -17.73 4.23
C ASP A 78 21.59 -18.40 5.57
N GLY A 79 20.58 -19.11 6.05
CA GLY A 79 20.68 -19.80 7.32
C GLY A 79 20.39 -19.00 8.58
N SER A 80 20.44 -17.68 8.49
CA SER A 80 20.19 -16.85 9.66
C SER A 80 18.71 -16.85 10.06
N ILE A 81 18.48 -16.65 11.35
CA ILE A 81 17.14 -16.62 11.92
C ILE A 81 16.50 -15.25 11.72
N LEU A 82 15.17 -15.21 11.75
CA LEU A 82 14.46 -13.95 11.61
C LEU A 82 14.47 -13.24 12.96
N SER A 83 15.36 -12.27 13.12
CA SER A 83 15.42 -11.53 14.38
C SER A 83 14.04 -11.01 14.71
N PRO A 84 13.73 -10.88 16.01
CA PRO A 84 12.40 -10.37 16.36
C PRO A 84 12.27 -8.86 16.12
N ASN A 85 11.04 -8.37 16.19
CA ASN A 85 10.74 -6.96 16.02
C ASN A 85 11.11 -6.35 14.67
N LEU A 86 11.04 -7.14 13.61
CA LEU A 86 11.36 -6.65 12.27
C LEU A 86 10.19 -6.83 11.33
N LEU A 87 9.52 -7.96 11.47
CA LEU A 87 8.41 -8.27 10.59
C LEU A 87 7.18 -8.74 11.32
N THR A 88 6.03 -8.19 10.98
CA THR A 88 4.80 -8.66 11.62
C THR A 88 4.25 -9.75 10.72
N ILE A 89 4.52 -11.00 11.07
CA ILE A 89 4.05 -12.13 10.29
C ILE A 89 2.55 -12.37 10.48
N ILE A 90 1.82 -12.37 9.39
CA ILE A 90 0.38 -12.62 9.42
C ILE A 90 0.19 -14.11 9.15
N GLU A 91 -0.32 -14.76 10.19
CA GLU A 91 -0.55 -16.20 10.27
C GLU A 91 -1.70 -17.09 9.65
N MET A 92 -2.42 -16.78 8.57
CA MET A 92 -3.28 -17.92 8.19
C MET A 92 -2.32 -18.77 7.37
N GLN A 93 -2.36 -20.04 7.68
CA GLN A 93 -1.41 -20.97 7.12
C GLN A 93 -1.80 -22.16 6.32
N LYS A 94 -0.95 -23.15 6.57
CA LYS A 94 -0.85 -24.44 5.92
C LYS A 94 0.23 -24.08 4.91
N GLY A 95 0.28 -22.79 4.58
CA GLY A 95 1.32 -22.32 3.67
C GLY A 95 2.64 -22.31 4.42
N ASP A 96 3.75 -22.36 3.69
CA ASP A 96 5.06 -22.38 4.32
C ASP A 96 6.05 -21.36 3.75
N CYS A 97 5.51 -20.33 3.11
CA CYS A 97 6.33 -19.28 2.53
C CYS A 97 5.72 -17.94 2.91
N ALA A 98 6.52 -16.88 2.85
CA ALA A 98 6.02 -15.57 3.21
C ALA A 98 6.18 -14.57 2.09
N LEU A 99 5.19 -13.69 1.96
CA LEU A 99 5.24 -12.64 0.95
C LEU A 99 5.47 -11.33 1.70
N TYR A 100 6.47 -10.56 1.29
CA TYR A 100 6.72 -9.28 1.91
C TYR A 100 5.61 -8.32 1.48
N ALA A 101 5.12 -7.56 2.44
CA ALA A 101 4.07 -6.61 2.14
C ALA A 101 4.40 -5.31 2.84
N SER A 102 3.88 -4.21 2.31
CA SER A 102 4.19 -2.90 2.84
C SER A 102 4.02 -2.62 4.31
N SER A 103 5.11 -2.09 4.86
CA SER A 103 5.28 -1.71 6.25
C SER A 103 5.68 -2.89 7.11
N PHE A 104 6.72 -3.55 6.64
CA PHE A 104 7.32 -4.69 7.32
C PHE A 104 6.36 -5.77 7.77
N LYS A 105 5.67 -6.34 6.79
CA LYS A 105 4.73 -7.41 7.03
C LYS A 105 5.12 -8.59 6.13
N GLY A 106 4.73 -9.78 6.54
CA GLY A 106 5.01 -10.97 5.77
C GLY A 106 3.78 -11.84 5.84
N TYR A 107 3.12 -12.04 4.71
CA TYR A 107 1.94 -12.90 4.68
C TYR A 107 2.39 -14.29 4.32
N ILE A 108 1.97 -15.27 5.10
CA ILE A 108 2.33 -16.66 4.83
C ILE A 108 1.41 -17.14 3.71
N GLU A 109 1.98 -17.82 2.72
CA GLU A 109 1.18 -18.31 1.60
C GLU A 109 1.69 -19.65 1.08
N ASN A 110 0.93 -20.26 0.19
CA ASN A 110 1.37 -21.52 -0.37
C ASN A 110 2.61 -21.24 -1.22
N CYS A 111 3.69 -21.98 -0.99
CA CYS A 111 4.93 -21.77 -1.74
C CYS A 111 4.79 -22.00 -3.25
N SER A 112 3.72 -22.65 -3.66
CA SER A 112 3.53 -22.93 -5.07
C SER A 112 2.62 -21.93 -5.78
N THR A 113 2.17 -20.91 -5.06
CA THR A 113 1.30 -19.88 -5.65
C THR A 113 2.17 -18.85 -6.38
N PRO A 114 1.95 -18.67 -7.69
CA PRO A 114 2.76 -17.70 -8.44
C PRO A 114 2.67 -16.30 -7.83
N ASN A 115 3.79 -15.57 -7.83
CA ASN A 115 3.86 -14.23 -7.26
C ASN A 115 5.13 -13.46 -7.66
N THR A 116 5.01 -12.13 -7.72
CA THR A 116 6.16 -11.27 -8.06
C THR A 116 7.13 -11.38 -6.89
N TYR A 117 8.40 -11.10 -7.10
CA TYR A 117 9.36 -11.23 -6.00
C TYR A 117 10.46 -10.18 -6.01
N ILE A 118 11.20 -10.11 -4.91
CA ILE A 118 12.27 -9.14 -4.75
C ILE A 118 13.61 -9.84 -4.53
N CYS A 119 14.63 -9.45 -5.30
CA CYS A 119 15.97 -10.01 -5.13
C CYS A 119 16.82 -8.92 -4.50
N MET A 120 17.71 -9.31 -3.60
CA MET A 120 18.56 -8.34 -2.93
C MET A 120 20.01 -8.76 -3.03
N GLN A 121 20.91 -7.79 -2.95
CA GLN A 121 22.34 -8.03 -3.05
C GLN A 121 23.09 -6.85 -2.43
N ARG A 122 23.77 -7.04 -1.31
CA ARG A 122 24.54 -5.94 -0.74
C ARG A 122 26.03 -6.18 -0.85
N THR A 123 26.73 -5.22 -1.43
CA THR A 123 28.17 -5.26 -1.62
C THR A 123 28.56 -6.17 -2.77
N GLU B 1 27.64 -5.03 -13.70
CA GLU B 1 27.80 -4.47 -12.32
C GLU B 1 28.46 -3.10 -12.35
N SER B 2 27.91 -2.15 -11.58
CA SER B 2 28.45 -0.81 -11.55
C SER B 2 27.94 0.08 -10.41
N TYR B 3 28.06 1.39 -10.58
CA TYR B 3 27.62 2.35 -9.57
C TYR B 3 26.44 3.21 -10.01
N CYS B 4 25.70 3.72 -9.03
CA CYS B 4 24.54 4.54 -9.30
C CYS B 4 24.82 6.01 -8.95
N GLY B 5 24.75 6.85 -9.98
CA GLY B 5 25.01 8.28 -9.89
C GLY B 5 25.09 9.00 -8.54
N PRO B 6 25.66 10.22 -8.53
CA PRO B 6 25.78 10.98 -7.28
C PRO B 6 24.40 11.39 -6.77
N CYS B 7 24.10 11.02 -5.53
CA CYS B 7 22.80 11.35 -4.93
C CYS B 7 22.98 11.81 -3.51
N PRO B 8 22.09 12.68 -3.03
CA PRO B 8 22.20 13.16 -1.65
C PRO B 8 22.32 11.97 -0.69
N LYS B 9 22.58 12.25 0.57
CA LYS B 9 22.74 11.19 1.54
C LYS B 9 21.44 10.45 1.82
N ASN B 10 21.49 9.11 1.69
CA ASN B 10 20.35 8.23 1.95
C ASN B 10 19.16 8.41 1.03
N TRP B 11 19.43 8.47 -0.26
CA TRP B 11 18.38 8.64 -1.23
C TRP B 11 18.36 7.48 -2.20
N ILE B 12 17.15 7.05 -2.53
CA ILE B 12 16.95 5.95 -3.44
C ILE B 12 17.56 6.27 -4.79
N CYS B 13 18.68 5.62 -5.13
CA CYS B 13 19.33 5.85 -6.40
C CYS B 13 18.88 4.80 -7.42
N TYR B 14 18.37 5.27 -8.55
CA TYR B 14 17.91 4.37 -9.59
C TYR B 14 17.98 5.00 -10.98
N LYS B 15 18.56 4.28 -11.93
CA LYS B 15 18.72 4.74 -13.30
C LYS B 15 19.27 6.15 -13.35
N ASN B 16 20.20 6.44 -12.45
CA ASN B 16 20.82 7.77 -12.38
C ASN B 16 19.78 8.86 -12.13
N ASN B 17 19.10 8.74 -10.99
CA ASN B 17 18.08 9.67 -10.54
C ASN B 17 17.98 9.49 -9.04
N CYS B 18 17.60 10.54 -8.34
CA CYS B 18 17.50 10.44 -6.90
C CYS B 18 16.10 10.80 -6.43
N TYR B 19 15.59 10.00 -5.49
CA TYR B 19 14.27 10.21 -4.91
C TYR B 19 14.32 10.09 -3.39
N GLN B 20 13.32 10.65 -2.75
CA GLN B 20 13.24 10.60 -1.32
C GLN B 20 11.79 10.92 -0.98
N PHE B 21 11.17 10.02 -0.24
CA PHE B 21 9.78 10.20 0.13
C PHE B 21 9.70 10.79 1.52
N PHE B 22 8.87 11.84 1.65
CA PHE B 22 8.68 12.48 2.94
C PHE B 22 7.30 12.17 3.49
N ASP B 23 7.29 11.63 4.71
CA ASP B 23 6.07 11.27 5.44
C ASP B 23 5.40 12.52 6.01
N GLU B 24 6.10 13.65 5.92
CA GLU B 24 5.61 14.94 6.41
C GLU B 24 4.59 15.52 5.43
N SER B 25 3.41 15.87 5.92
CA SER B 25 2.38 16.42 5.05
C SER B 25 2.47 17.94 4.95
N LYS B 26 2.66 18.41 3.73
CA LYS B 26 2.77 19.84 3.41
C LYS B 26 1.89 20.09 2.19
N ASN B 27 1.57 21.34 1.88
CA ASN B 27 0.75 21.57 0.70
C ASN B 27 1.75 21.65 -0.44
N TRP B 28 1.27 21.85 -1.66
CA TRP B 28 2.16 21.85 -2.78
C TRP B 28 3.29 22.85 -2.57
N TYR B 29 2.94 24.12 -2.36
CA TYR B 29 3.95 25.17 -2.18
C TYR B 29 4.97 24.79 -1.10
N GLU B 30 4.49 24.43 0.08
CA GLU B 30 5.36 24.06 1.18
C GLU B 30 6.27 22.87 0.81
N SER B 31 5.74 21.94 0.03
CA SER B 31 6.53 20.79 -0.39
C SER B 31 7.56 21.25 -1.39
N GLN B 32 7.10 21.90 -2.47
CA GLN B 32 8.02 22.38 -3.48
C GLN B 32 9.18 23.10 -2.84
N ALA B 33 8.88 23.90 -1.81
CA ALA B 33 9.93 24.62 -1.13
C ALA B 33 10.92 23.66 -0.50
N SER B 34 10.41 22.60 0.13
CA SER B 34 11.26 21.61 0.78
C SER B 34 12.28 21.01 -0.16
N CYS B 35 11.85 20.63 -1.36
CA CYS B 35 12.75 20.02 -2.35
C CYS B 35 13.78 21.05 -2.84
N MET B 36 13.36 22.30 -2.96
CA MET B 36 14.28 23.34 -3.40
C MET B 36 15.38 23.51 -2.36
N SER B 37 15.03 23.47 -1.08
CA SER B 37 16.01 23.62 0.00
C SER B 37 16.92 22.39 0.13
N GLN B 38 16.98 21.60 -0.93
CA GLN B 38 17.81 20.40 -0.93
C GLN B 38 18.33 20.14 -2.33
N ASN B 39 18.58 21.20 -3.07
CA ASN B 39 19.10 21.09 -4.43
C ASN B 39 18.29 20.12 -5.27
N ALA B 40 16.99 20.02 -4.97
CA ALA B 40 16.12 19.11 -5.72
C ALA B 40 14.76 19.74 -6.01
N SER B 41 13.94 19.01 -6.75
CA SER B 41 12.61 19.46 -7.10
C SER B 41 11.60 18.36 -6.74
N LEU B 42 10.33 18.59 -7.03
CA LEU B 42 9.30 17.61 -6.77
C LEU B 42 9.40 16.58 -7.89
N LEU B 43 8.98 15.35 -7.63
CA LEU B 43 9.04 14.28 -8.61
C LEU B 43 8.64 14.77 -10.00
N LYS B 44 9.34 14.28 -11.02
CA LYS B 44 9.02 14.63 -12.41
C LYS B 44 9.05 13.39 -13.28
N VAL B 45 7.93 13.11 -13.95
CA VAL B 45 7.80 11.94 -14.80
C VAL B 45 8.05 12.21 -16.27
N TYR B 46 9.18 11.72 -16.77
CA TYR B 46 9.54 11.90 -18.18
C TYR B 46 9.67 10.58 -18.91
N SER B 47 9.88 9.49 -18.15
CA SER B 47 10.06 8.18 -18.77
C SER B 47 9.60 6.99 -17.93
N LYS B 48 8.61 6.26 -18.44
CA LYS B 48 8.10 5.08 -17.78
C LYS B 48 9.22 4.05 -17.78
N GLU B 49 10.15 4.24 -18.70
CA GLU B 49 11.29 3.34 -18.87
C GLU B 49 12.32 3.62 -17.79
N ASP B 50 12.86 4.83 -17.79
CA ASP B 50 13.86 5.21 -16.80
C ASP B 50 13.33 5.30 -15.37
N GLN B 51 12.01 5.33 -15.21
CA GLN B 51 11.43 5.45 -13.88
C GLN B 51 10.33 4.42 -13.62
N ASP B 52 10.55 3.20 -14.08
CA ASP B 52 9.58 2.12 -13.91
C ASP B 52 9.30 1.78 -12.45
N LEU B 53 10.24 2.05 -11.56
CA LEU B 53 10.03 1.73 -10.15
C LEU B 53 8.89 2.56 -9.56
N LEU B 54 8.42 3.53 -10.34
CA LEU B 54 7.32 4.38 -9.90
C LEU B 54 6.00 3.62 -9.85
N LYS B 55 5.94 2.47 -10.50
CA LYS B 55 4.71 1.68 -10.47
C LYS B 55 4.74 0.80 -9.23
N LEU B 56 5.78 0.99 -8.44
CA LEU B 56 5.99 0.25 -7.21
C LEU B 56 5.47 1.04 -6.01
N VAL B 57 5.30 2.35 -6.20
CA VAL B 57 4.87 3.26 -5.15
C VAL B 57 3.45 3.13 -4.61
N LYS B 58 3.36 2.98 -3.29
CA LYS B 58 2.07 2.89 -2.62
C LYS B 58 1.65 4.31 -2.19
N SER B 59 0.35 4.58 -2.21
CA SER B 59 -0.24 5.87 -1.81
C SER B 59 -0.02 7.01 -2.82
N TYR B 60 -0.61 8.18 -2.52
CA TYR B 60 -0.48 9.33 -3.39
C TYR B 60 0.42 10.37 -2.78
N HIS B 61 1.18 11.05 -3.64
CA HIS B 61 2.13 12.06 -3.17
C HIS B 61 2.25 13.22 -4.17
N TRP B 62 2.56 14.41 -3.67
CA TRP B 62 2.76 15.56 -4.54
C TRP B 62 3.86 15.29 -5.55
N MET B 63 3.67 15.78 -6.77
CA MET B 63 4.69 15.66 -7.80
C MET B 63 4.73 17.08 -8.37
N GLY B 64 5.85 17.48 -8.96
CA GLY B 64 5.97 18.85 -9.46
C GLY B 64 5.12 19.21 -10.67
N LEU B 65 3.91 18.69 -10.72
CA LEU B 65 3.04 18.94 -11.87
C LEU B 65 1.99 20.00 -11.56
N VAL B 66 1.93 21.03 -12.41
CA VAL B 66 0.99 22.13 -12.24
C VAL B 66 0.11 22.34 -13.46
N HIS B 67 -1.04 22.98 -13.24
CA HIS B 67 -2.01 23.25 -14.30
C HIS B 67 -1.93 24.69 -14.83
N ILE B 68 -1.97 24.83 -16.14
CA ILE B 68 -1.91 26.17 -16.74
C ILE B 68 -3.35 26.64 -16.93
N PRO B 69 -3.75 27.67 -16.16
CA PRO B 69 -5.09 28.29 -16.13
C PRO B 69 -5.75 28.61 -17.47
N THR B 70 -4.97 28.69 -18.54
CA THR B 70 -5.54 29.01 -19.83
C THR B 70 -5.73 27.82 -20.76
N ASN B 71 -4.63 27.36 -21.35
CA ASN B 71 -4.66 26.24 -22.30
C ASN B 71 -4.98 24.89 -21.68
N GLY B 72 -5.29 24.89 -20.39
CA GLY B 72 -5.63 23.65 -19.71
C GLY B 72 -4.67 22.48 -19.80
N SER B 73 -3.38 22.75 -20.01
CA SER B 73 -2.39 21.68 -20.07
C SER B 73 -1.55 21.70 -18.79
N TRP B 74 -0.83 20.62 -18.52
CA TRP B 74 -0.01 20.52 -17.31
C TRP B 74 1.47 20.64 -17.62
N GLN B 75 2.20 21.29 -16.71
CA GLN B 75 3.64 21.49 -16.90
C GLN B 75 4.37 21.24 -15.59
N TRP B 76 5.66 20.92 -15.70
CA TRP B 76 6.45 20.66 -14.50
C TRP B 76 6.98 21.98 -13.96
N GLU B 77 7.65 21.92 -12.82
CA GLU B 77 8.21 23.11 -12.21
C GLU B 77 9.22 23.76 -13.14
N ASP B 78 10.04 22.94 -13.80
CA ASP B 78 11.08 23.44 -14.68
C ASP B 78 10.56 24.20 -15.90
N GLY B 79 9.27 24.06 -16.17
CA GLY B 79 8.70 24.76 -17.30
C GLY B 79 8.26 23.86 -18.43
N SER B 80 8.97 22.76 -18.63
CA SER B 80 8.62 21.84 -19.71
C SER B 80 7.17 21.41 -19.59
N ILE B 81 6.65 20.79 -20.63
CA ILE B 81 5.27 20.36 -20.62
C ILE B 81 5.15 18.84 -20.62
N LEU B 82 4.16 18.35 -19.87
CA LEU B 82 3.90 16.91 -19.76
C LEU B 82 3.74 16.33 -21.16
N SER B 83 4.49 15.27 -21.44
CA SER B 83 4.46 14.63 -22.75
C SER B 83 3.42 13.55 -22.84
N PRO B 84 2.56 13.62 -23.87
CA PRO B 84 1.48 12.63 -24.09
C PRO B 84 2.01 11.22 -24.28
N ASN B 85 2.01 10.40 -23.23
CA ASN B 85 2.64 9.09 -23.29
C ASN B 85 3.04 8.64 -21.91
N LEU B 86 3.09 9.55 -20.93
CA LEU B 86 3.53 9.21 -19.57
C LEU B 86 2.45 9.04 -18.49
N LEU B 87 1.61 10.06 -18.31
CA LEU B 87 0.58 10.00 -17.29
C LEU B 87 -0.86 10.08 -17.73
N THR B 88 -1.73 9.53 -16.89
CA THR B 88 -3.18 9.53 -17.10
C THR B 88 -3.67 10.38 -15.94
N ILE B 89 -4.31 11.49 -16.26
CA ILE B 89 -4.77 12.39 -15.23
C ILE B 89 -6.24 12.26 -14.90
N ILE B 90 -6.51 11.97 -13.63
CA ILE B 90 -7.87 11.80 -13.15
C ILE B 90 -8.10 12.83 -12.05
N GLU B 91 -9.30 13.41 -12.05
CA GLU B 91 -9.63 14.40 -11.05
C GLU B 91 -10.06 13.76 -9.74
N MET B 92 -9.32 14.03 -8.68
CA MET B 92 -9.66 13.51 -7.36
C MET B 92 -10.33 14.61 -6.59
N GLN B 93 -9.76 15.80 -6.72
CA GLN B 93 -10.28 16.97 -6.02
C GLN B 93 -9.93 18.27 -6.76
N LYS B 94 -10.74 19.32 -6.53
CA LYS B 94 -10.57 20.65 -7.11
C LYS B 94 -9.19 21.07 -7.67
N GLY B 95 -8.45 21.80 -6.86
CA GLY B 95 -7.09 22.31 -7.18
C GLY B 95 -6.43 22.40 -8.58
N ASP B 96 -5.18 22.86 -8.58
CA ASP B 96 -4.41 23.03 -9.83
C ASP B 96 -3.08 22.28 -9.75
N CYS B 97 -2.99 21.40 -8.76
CA CYS B 97 -1.78 20.62 -8.55
C CYS B 97 -2.12 19.13 -8.73
N ALA B 98 -1.10 18.32 -9.01
CA ALA B 98 -1.32 16.90 -9.21
C ALA B 98 -0.50 15.98 -8.29
N LEU B 99 -1.18 14.99 -7.72
CA LEU B 99 -0.54 14.01 -6.85
C LEU B 99 -0.17 12.83 -7.74
N TYR B 100 0.94 12.17 -7.42
CA TYR B 100 1.33 10.98 -8.16
C TYR B 100 0.72 9.73 -7.47
N ALA B 101 0.34 8.73 -8.25
CA ALA B 101 -0.18 7.49 -7.67
C ALA B 101 0.37 6.34 -8.50
N SER B 102 0.79 5.28 -7.81
CA SER B 102 1.35 4.07 -8.44
C SER B 102 0.73 3.71 -9.77
N SER B 103 1.61 3.40 -10.72
CA SER B 103 1.22 3.01 -12.07
C SER B 103 0.91 4.25 -12.90
N PHE B 104 1.89 5.15 -12.92
CA PHE B 104 1.81 6.38 -13.67
C PHE B 104 0.42 6.95 -13.81
N LYS B 105 -0.06 7.51 -12.71
CA LYS B 105 -1.35 8.13 -12.68
C LYS B 105 -1.21 9.44 -11.94
N GLY B 106 -1.83 10.48 -12.48
CA GLY B 106 -1.75 11.77 -11.84
C GLY B 106 -3.14 12.13 -11.37
N TYR B 107 -3.28 12.35 -10.07
CA TYR B 107 -4.57 12.71 -9.49
C TYR B 107 -4.61 14.17 -9.12
N ILE B 108 -5.63 14.87 -9.62
CA ILE B 108 -5.76 16.29 -9.35
C ILE B 108 -6.14 16.52 -7.90
N GLU B 109 -5.48 17.49 -7.27
CA GLU B 109 -5.72 17.80 -5.86
C GLU B 109 -5.62 19.31 -5.55
N ASN B 110 -6.26 19.72 -4.45
CA ASN B 110 -6.25 21.11 -4.02
C ASN B 110 -4.81 21.46 -3.63
N CYS B 111 -4.18 22.36 -4.38
CA CYS B 111 -2.79 22.74 -4.12
C CYS B 111 -2.51 23.07 -2.66
N SER B 112 -3.56 23.43 -1.93
CA SER B 112 -3.39 23.84 -0.55
C SER B 112 -3.61 22.74 0.48
N THR B 113 -4.07 21.57 0.05
CA THR B 113 -4.27 20.49 1.00
C THR B 113 -2.94 19.76 1.23
N PRO B 114 -2.60 19.53 2.50
CA PRO B 114 -1.37 18.85 2.92
C PRO B 114 -1.32 17.38 2.49
N ASN B 115 -0.19 16.99 1.91
CA ASN B 115 0.05 15.63 1.45
C ASN B 115 1.52 15.28 1.60
N THR B 116 1.83 13.99 1.47
CA THR B 116 3.22 13.59 1.53
C THR B 116 3.78 13.98 0.17
N TYR B 117 5.10 13.92 0.01
CA TYR B 117 5.70 14.31 -1.27
C TYR B 117 6.96 13.54 -1.65
N ILE B 118 7.33 13.66 -2.92
CA ILE B 118 8.51 12.99 -3.44
C ILE B 118 9.47 13.96 -4.10
N CYS B 119 10.64 14.16 -3.51
CA CYS B 119 11.64 15.05 -4.08
C CYS B 119 12.50 14.22 -5.02
N MET B 120 12.88 14.82 -6.15
CA MET B 120 13.70 14.14 -7.14
C MET B 120 14.90 15.04 -7.44
N GLN B 121 15.92 14.48 -8.08
CA GLN B 121 17.12 15.23 -8.46
C GLN B 121 17.73 14.52 -9.65
N ARG B 122 17.42 15.00 -10.85
CA ARG B 122 17.93 14.38 -12.08
C ARG B 122 19.44 14.46 -12.05
N THR B 123 20.09 13.29 -12.10
CA THR B 123 21.54 13.22 -12.07
C THR B 123 22.14 13.78 -13.37
N ASP C 1 -18.41 -21.10 19.08
CA ASP C 1 -19.18 -19.91 18.60
C ASP C 1 -18.46 -19.16 17.49
N ALA C 2 -19.14 -18.17 16.92
CA ALA C 2 -18.59 -17.37 15.84
C ALA C 2 -18.45 -15.90 16.22
N HIS C 3 -17.42 -15.26 15.71
CA HIS C 3 -17.17 -13.86 15.99
C HIS C 3 -16.97 -13.10 14.68
N SER C 4 -17.32 -11.83 14.67
CA SER C 4 -17.16 -11.04 13.46
C SER C 4 -16.57 -9.67 13.71
N LEU C 5 -16.18 -9.03 12.62
CA LEU C 5 -15.59 -7.72 12.65
C LEU C 5 -16.15 -7.01 11.42
N TRP C 6 -16.82 -5.88 11.64
CA TRP C 6 -17.41 -5.09 10.55
C TRP C 6 -16.84 -3.67 10.48
N TYR C 7 -16.40 -3.29 9.28
CA TYR C 7 -15.85 -1.96 9.08
C TYR C 7 -16.69 -1.29 8.03
N ASN C 8 -17.35 -0.20 8.41
CA ASN C 8 -18.21 0.50 7.50
C ASN C 8 -17.60 1.83 7.11
N PHE C 9 -17.11 1.86 5.89
CA PHE C 9 -16.48 3.04 5.33
C PHE C 9 -17.48 3.91 4.61
N THR C 10 -17.20 5.20 4.62
CA THR C 10 -18.01 6.17 3.94
C THR C 10 -16.96 7.04 3.27
N ILE C 11 -16.86 6.92 1.95
CA ILE C 11 -15.86 7.64 1.18
C ILE C 11 -16.54 8.61 0.25
N ILE C 12 -16.16 9.89 0.34
CA ILE C 12 -16.81 10.89 -0.50
C ILE C 12 -15.92 11.55 -1.55
N HIS C 13 -16.37 11.54 -2.78
CA HIS C 13 -15.64 12.19 -3.86
C HIS C 13 -16.22 13.61 -3.96
N LEU C 14 -15.37 14.62 -3.86
CA LEU C 14 -15.79 16.03 -3.95
C LEU C 14 -16.68 16.49 -2.79
N PRO C 15 -16.20 16.36 -1.54
CA PRO C 15 -16.91 16.75 -0.32
C PRO C 15 -17.41 18.19 -0.45
N ARG C 16 -18.64 18.47 -0.01
CA ARG C 16 -19.24 19.80 -0.15
C ARG C 16 -19.09 20.86 0.95
N HIS C 17 -19.40 20.49 2.18
CA HIS C 17 -19.31 21.46 3.28
C HIS C 17 -18.12 21.18 4.16
N GLY C 18 -18.37 20.73 5.38
CA GLY C 18 -17.28 20.42 6.29
C GLY C 18 -17.12 18.92 6.30
N GLN C 19 -17.68 18.28 5.29
CA GLN C 19 -17.61 16.84 5.15
C GLN C 19 -16.17 16.33 5.01
N GLN C 20 -15.86 15.28 5.74
CA GLN C 20 -14.55 14.63 5.71
C GLN C 20 -14.66 13.54 4.64
N TRP C 21 -13.69 13.45 3.74
CA TRP C 21 -13.80 12.45 2.69
C TRP C 21 -13.76 11.02 3.18
N CYS C 22 -13.16 10.80 4.34
CA CYS C 22 -13.04 9.45 4.90
C CYS C 22 -13.58 9.28 6.32
N GLU C 23 -14.51 8.34 6.48
CA GLU C 23 -15.09 8.04 7.78
C GLU C 23 -15.28 6.51 7.88
N VAL C 24 -15.02 5.94 9.05
CA VAL C 24 -15.17 4.49 9.24
C VAL C 24 -15.71 4.15 10.61
N GLN C 25 -16.76 3.34 10.64
CA GLN C 25 -17.33 2.89 11.89
C GLN C 25 -17.06 1.39 11.95
N SER C 26 -16.72 0.91 13.13
CA SER C 26 -16.40 -0.51 13.30
C SER C 26 -17.23 -1.16 14.39
N GLN C 27 -17.35 -2.48 14.30
CA GLN C 27 -18.12 -3.25 15.29
C GLN C 27 -17.44 -4.61 15.50
N VAL C 28 -17.29 -5.01 16.78
CA VAL C 28 -16.69 -6.30 17.11
C VAL C 28 -17.87 -7.15 17.52
N ASP C 29 -17.99 -8.34 16.97
CA ASP C 29 -19.13 -9.20 17.29
C ASP C 29 -20.38 -8.32 17.34
N GLN C 30 -20.71 -7.87 16.14
CA GLN C 30 -21.84 -7.01 15.82
C GLN C 30 -21.96 -5.68 16.56
N LYS C 31 -21.08 -5.38 17.50
CA LYS C 31 -21.28 -4.05 18.06
C LYS C 31 -20.10 -3.09 18.17
N ASN C 32 -20.42 -1.81 17.90
CA ASN C 32 -19.50 -0.68 17.87
C ASN C 32 -18.36 -0.65 18.85
N PHE C 33 -17.28 0.01 18.44
CA PHE C 33 -16.13 0.15 19.30
C PHE C 33 -15.21 1.22 18.76
N LEU C 34 -15.46 1.68 17.54
CA LEU C 34 -14.61 2.70 16.95
C LEU C 34 -15.17 3.45 15.76
N SER C 35 -15.04 4.77 15.80
CA SER C 35 -15.45 5.66 14.71
C SER C 35 -14.12 6.34 14.39
N TYR C 36 -13.70 6.24 13.13
CA TYR C 36 -12.42 6.79 12.77
C TYR C 36 -12.35 7.54 11.46
N ASP C 37 -11.74 8.72 11.51
CA ASP C 37 -11.53 9.58 10.36
C ASP C 37 -10.27 9.03 9.67
N CYS C 38 -10.46 8.14 8.70
CA CYS C 38 -9.34 7.53 7.99
C CYS C 38 -8.61 8.50 7.05
N GLY C 39 -9.07 9.74 7.01
CA GLY C 39 -8.45 10.75 6.16
C GLY C 39 -7.47 11.66 6.89
N SER C 40 -7.67 11.83 8.19
CA SER C 40 -6.78 12.68 8.96
C SER C 40 -6.21 11.93 10.16
N ASP C 41 -6.32 10.62 10.13
CA ASP C 41 -5.80 9.78 11.20
C ASP C 41 -6.35 10.28 12.52
N LYS C 42 -7.65 10.14 12.73
CA LYS C 42 -8.22 10.60 13.98
C LYS C 42 -9.38 9.77 14.50
N VAL C 43 -9.20 9.28 15.73
CA VAL C 43 -10.22 8.50 16.39
C VAL C 43 -11.22 9.58 16.77
N LEU C 44 -12.49 9.38 16.42
CA LEU C 44 -13.53 10.36 16.71
C LEU C 44 -14.36 9.99 17.93
N SER C 45 -14.66 8.70 18.08
CA SER C 45 -15.44 8.24 19.20
C SER C 45 -15.37 6.74 19.29
N MET C 46 -14.35 6.23 19.96
CA MET C 46 -14.21 4.81 20.07
C MET C 46 -14.90 4.30 21.33
N GLY C 47 -16.23 4.27 21.31
CA GLY C 47 -16.97 3.80 22.47
C GLY C 47 -16.66 2.34 22.76
N HIS C 48 -16.78 1.93 24.03
CA HIS C 48 -16.53 0.55 24.47
C HIS C 48 -15.15 0.35 25.10
N LEU C 49 -14.75 1.29 25.95
CA LEU C 49 -13.45 1.25 26.61
C LEU C 49 -13.33 0.34 27.81
N GLU C 50 -13.94 -0.83 27.78
CA GLU C 50 -13.83 -1.72 28.91
C GLU C 50 -13.24 -3.04 28.46
N GLU C 51 -12.53 -2.97 27.35
CA GLU C 51 -11.87 -4.14 26.79
C GLU C 51 -10.50 -3.73 26.25
N GLN C 52 -10.20 -2.44 26.35
CA GLN C 52 -8.93 -1.91 25.88
C GLN C 52 -8.52 -2.62 24.59
N LEU C 53 -9.28 -2.43 23.52
CA LEU C 53 -8.92 -3.06 22.27
C LEU C 53 -7.67 -2.32 21.80
N TYR C 54 -7.62 -1.03 22.15
CA TYR C 54 -6.47 -0.19 21.87
C TYR C 54 -5.55 -0.80 22.89
N ALA C 55 -4.25 -0.67 22.73
CA ALA C 55 -3.34 -1.29 23.69
C ALA C 55 -3.24 -2.75 23.29
N THR C 56 -3.32 -2.98 21.99
CA THR C 56 -3.20 -4.28 21.36
C THR C 56 -2.36 -3.94 20.15
N ASP C 57 -1.54 -4.89 19.69
CA ASP C 57 -0.71 -4.63 18.52
C ASP C 57 -1.61 -4.44 17.30
N ALA C 58 -2.74 -5.13 17.31
CA ALA C 58 -3.70 -5.05 16.22
C ALA C 58 -4.30 -3.66 16.01
N TRP C 59 -4.46 -2.91 17.09
CA TRP C 59 -5.07 -1.61 17.01
C TRP C 59 -4.45 -0.68 15.99
N GLY C 60 -3.13 -0.49 16.06
CA GLY C 60 -2.45 0.40 15.13
C GLY C 60 -2.40 -0.18 13.72
N LYS C 61 -2.14 -1.47 13.63
CA LYS C 61 -2.10 -2.13 12.34
C LYS C 61 -3.47 -1.88 11.71
N GLN C 62 -4.53 -2.12 12.50
CA GLN C 62 -5.91 -1.91 12.06
C GLN C 62 -6.12 -0.52 11.46
N LEU C 63 -5.72 0.52 12.21
CA LEU C 63 -5.84 1.90 11.74
C LEU C 63 -5.01 2.11 10.48
N GLU C 64 -3.85 1.46 10.42
CA GLU C 64 -2.99 1.58 9.26
C GLU C 64 -3.76 1.11 8.04
N MET C 65 -4.29 -0.11 8.10
CA MET C 65 -5.05 -0.65 6.97
C MET C 65 -6.32 0.14 6.67
N LEU C 66 -7.00 0.64 7.71
CA LEU C 66 -8.21 1.42 7.49
C LEU C 66 -7.87 2.65 6.62
N ARG C 67 -6.70 3.22 6.87
CA ARG C 67 -6.26 4.36 6.09
C ARG C 67 -5.91 3.92 4.66
N GLU C 68 -5.21 2.81 4.51
CA GLU C 68 -4.83 2.33 3.19
C GLU C 68 -6.06 1.96 2.36
N VAL C 69 -7.03 1.30 2.99
CA VAL C 69 -8.22 0.91 2.28
C VAL C 69 -8.97 2.17 1.84
N GLY C 70 -9.00 3.17 2.72
CA GLY C 70 -9.68 4.42 2.39
C GLY C 70 -9.03 5.15 1.22
N GLN C 71 -7.70 5.14 1.16
CA GLN C 71 -6.98 5.81 0.08
C GLN C 71 -7.16 5.10 -1.27
N ARG C 72 -7.17 3.78 -1.24
CA ARG C 72 -7.38 2.98 -2.45
C ARG C 72 -8.77 3.23 -3.01
N LEU C 73 -9.77 3.15 -2.14
CA LEU C 73 -11.14 3.35 -2.56
C LEU C 73 -11.30 4.77 -3.10
N ARG C 74 -10.58 5.73 -2.52
CA ARG C 74 -10.66 7.12 -2.96
C ARG C 74 -10.27 7.29 -4.42
N LEU C 75 -9.12 6.74 -4.78
CA LEU C 75 -8.62 6.84 -6.15
C LEU C 75 -9.59 6.13 -7.08
N GLU C 76 -10.08 4.96 -6.66
CA GLU C 76 -11.02 4.20 -7.46
C GLU C 76 -12.32 4.99 -7.63
N LEU C 77 -12.74 5.68 -6.58
CA LEU C 77 -13.96 6.47 -6.61
C LEU C 77 -13.80 7.66 -7.56
N ALA C 78 -12.56 8.12 -7.72
CA ALA C 78 -12.27 9.26 -8.58
C ALA C 78 -12.41 8.97 -10.06
N ASP C 79 -12.29 7.70 -10.43
CA ASP C 79 -12.40 7.30 -11.84
C ASP C 79 -13.53 6.27 -11.96
N THR C 80 -14.72 6.63 -11.51
CA THR C 80 -15.87 5.74 -11.58
C THR C 80 -16.48 5.72 -12.98
N GLU C 81 -17.60 5.05 -13.11
CA GLU C 81 -18.28 4.84 -14.40
C GLU C 81 -19.53 5.70 -14.54
N PRO C 90 -22.23 14.97 -3.84
CA PRO C 90 -21.02 14.33 -4.36
C PRO C 90 -21.15 12.83 -4.28
N LEU C 91 -20.40 12.11 -5.11
CA LEU C 91 -20.51 10.66 -5.08
C LEU C 91 -20.13 10.18 -3.71
N THR C 92 -20.96 9.32 -3.12
CA THR C 92 -20.68 8.78 -1.80
C THR C 92 -20.57 7.27 -1.89
N LEU C 93 -19.35 6.73 -1.72
CA LEU C 93 -19.14 5.30 -1.77
C LEU C 93 -19.17 4.74 -0.34
N GLN C 94 -20.17 3.93 -0.05
CA GLN C 94 -20.31 3.30 1.27
C GLN C 94 -19.87 1.85 1.13
N VAL C 95 -18.84 1.49 1.88
CA VAL C 95 -18.30 0.13 1.82
C VAL C 95 -18.25 -0.56 3.17
N ARG C 96 -18.60 -1.84 3.17
CA ARG C 96 -18.51 -2.63 4.40
C ARG C 96 -17.61 -3.82 4.17
N MET C 97 -16.53 -3.86 4.94
CA MET C 97 -15.62 -4.98 4.84
C MET C 97 -15.87 -5.79 6.08
N SER C 98 -15.97 -7.10 5.91
CA SER C 98 -16.20 -7.96 7.06
C SER C 98 -15.50 -9.30 6.98
N CYS C 99 -15.20 -9.83 8.16
CA CYS C 99 -14.58 -11.13 8.29
C CYS C 99 -15.27 -11.79 9.49
N GLU C 100 -15.48 -13.10 9.45
CA GLU C 100 -16.16 -13.79 10.54
C GLU C 100 -15.53 -15.16 10.80
N GLU C 102 -15.70 -18.86 12.49
CA GLU C 102 -16.66 -19.79 13.04
C GLU C 102 -16.00 -20.60 14.15
N ALA C 103 -16.55 -21.76 14.48
CA ALA C 103 -16.00 -22.58 15.55
C ALA C 103 -14.75 -23.35 15.12
N ASP C 104 -14.50 -23.37 13.82
CA ASP C 104 -13.36 -24.07 13.26
C ASP C 104 -12.26 -23.10 12.86
N GLY C 105 -12.68 -21.95 12.33
CA GLY C 105 -11.74 -20.92 11.90
C GLY C 105 -12.20 -20.47 10.53
N TYR C 106 -13.17 -21.19 9.97
CA TYR C 106 -13.72 -20.89 8.66
C TYR C 106 -14.03 -19.41 8.54
N ILE C 107 -13.04 -18.63 8.12
CA ILE C 107 -13.21 -17.20 8.00
C ILE C 107 -13.89 -16.83 6.69
N ARG C 108 -14.97 -16.07 6.80
CA ARG C 108 -15.68 -15.60 5.63
C ARG C 108 -15.30 -14.14 5.51
N GLY C 109 -14.63 -13.81 4.42
CA GLY C 109 -14.23 -12.44 4.19
C GLY C 109 -15.00 -11.92 2.98
N SER C 110 -15.69 -10.80 3.14
CA SER C 110 -16.45 -10.25 2.04
C SER C 110 -16.52 -8.73 2.08
N TRP C 111 -16.89 -8.16 0.94
CA TRP C 111 -17.03 -6.71 0.79
C TRP C 111 -18.39 -6.36 0.20
N GLN C 112 -18.93 -5.22 0.60
CA GLN C 112 -20.20 -4.77 0.08
C GLN C 112 -20.08 -3.33 -0.36
N PHE C 113 -20.40 -3.06 -1.63
CA PHE C 113 -20.30 -1.72 -2.17
C PHE C 113 -21.63 -1.11 -2.53
N SER C 114 -21.80 0.14 -2.12
CA SER C 114 -23.00 0.94 -2.39
C SER C 114 -22.49 2.29 -2.88
N PHE C 115 -23.34 3.06 -3.55
CA PHE C 115 -22.90 4.36 -4.06
C PHE C 115 -23.80 5.52 -3.69
N ASP C 116 -24.99 5.21 -3.20
CA ASP C 116 -25.92 6.26 -2.80
C ASP C 116 -26.97 5.69 -1.89
N GLY C 117 -26.69 4.50 -1.37
CA GLY C 117 -27.63 3.85 -0.48
C GLY C 117 -28.19 2.59 -1.10
N ARG C 118 -27.90 2.38 -2.38
CA ARG C 118 -28.38 1.18 -3.06
C ARG C 118 -27.22 0.24 -3.32
N LYS C 119 -27.28 -0.96 -2.75
CA LYS C 119 -26.20 -1.91 -2.95
C LYS C 119 -25.89 -2.03 -4.44
N PHE C 120 -24.59 -2.11 -4.76
CA PHE C 120 -24.15 -2.18 -6.14
C PHE C 120 -23.35 -3.45 -6.46
N LEU C 121 -22.36 -3.74 -5.61
CA LEU C 121 -21.48 -4.88 -5.82
C LEU C 121 -21.20 -5.69 -4.57
N LEU C 122 -20.93 -6.98 -4.76
CA LEU C 122 -20.60 -7.85 -3.64
C LEU C 122 -19.38 -8.63 -4.01
N PHE C 123 -18.43 -8.69 -3.09
CA PHE C 123 -17.20 -9.43 -3.31
C PHE C 123 -17.11 -10.53 -2.28
N ASP C 124 -16.92 -11.75 -2.76
CA ASP C 124 -16.78 -12.91 -1.89
C ASP C 124 -15.30 -13.25 -1.91
N SER C 125 -14.59 -12.79 -0.89
CA SER C 125 -13.15 -13.03 -0.81
C SER C 125 -12.82 -14.50 -0.93
N ASN C 126 -13.48 -15.31 -0.12
CA ASN C 126 -13.28 -16.76 -0.10
C ASN C 126 -13.21 -17.36 -1.50
N ASN C 127 -14.34 -17.29 -2.23
CA ASN C 127 -14.43 -17.83 -3.59
C ASN C 127 -13.87 -16.85 -4.61
N ARG C 128 -13.52 -15.65 -4.14
CA ARG C 128 -12.96 -14.64 -5.01
C ARG C 128 -13.89 -14.29 -6.14
N LYS C 129 -15.19 -14.27 -5.88
CA LYS C 129 -16.12 -13.94 -6.95
C LYS C 129 -16.81 -12.60 -6.78
N TRP C 130 -16.78 -11.83 -7.86
CA TRP C 130 -17.42 -10.55 -7.91
C TRP C 130 -18.78 -10.83 -8.49
N THR C 131 -19.82 -10.47 -7.76
CA THR C 131 -21.16 -10.70 -8.23
C THR C 131 -21.92 -9.39 -8.26
N VAL C 132 -22.55 -9.11 -9.40
CA VAL C 132 -23.32 -7.90 -9.61
C VAL C 132 -24.64 -7.95 -8.85
N VAL C 133 -25.01 -6.82 -8.26
CA VAL C 133 -26.24 -6.69 -7.48
C VAL C 133 -27.16 -5.69 -8.15
N HIS C 134 -26.56 -4.84 -8.97
CA HIS C 134 -27.27 -3.79 -9.68
C HIS C 134 -26.91 -3.84 -11.15
N ALA C 135 -27.85 -3.55 -12.03
CA ALA C 135 -27.59 -3.56 -13.45
C ALA C 135 -26.49 -2.57 -13.81
N GLY C 136 -26.50 -1.40 -13.16
CA GLY C 136 -25.50 -0.39 -13.46
C GLY C 136 -24.13 -0.64 -12.84
N ALA C 137 -23.95 -1.80 -12.21
CA ALA C 137 -22.67 -2.10 -11.60
C ALA C 137 -21.87 -3.09 -12.41
N ARG C 138 -22.37 -3.44 -13.59
CA ARG C 138 -21.70 -4.40 -14.46
C ARG C 138 -20.31 -3.95 -14.89
N ARG C 139 -20.16 -2.64 -15.14
CA ARG C 139 -18.89 -2.11 -15.58
C ARG C 139 -17.82 -2.05 -14.49
N MET C 140 -18.19 -1.59 -13.30
CA MET C 140 -17.20 -1.51 -12.21
C MET C 140 -16.71 -2.92 -11.89
N LYS C 141 -17.60 -3.90 -11.99
CA LYS C 141 -17.22 -5.29 -11.74
C LYS C 141 -16.09 -5.66 -12.69
N GLU C 142 -16.33 -5.44 -13.98
CA GLU C 142 -15.35 -5.71 -15.04
C GLU C 142 -14.01 -5.08 -14.69
N LYS C 143 -14.03 -3.77 -14.52
CA LYS C 143 -12.84 -3.01 -14.20
C LYS C 143 -12.10 -3.63 -13.03
N TRP C 144 -12.80 -3.76 -11.90
CA TRP C 144 -12.19 -4.32 -10.68
C TRP C 144 -11.84 -5.79 -10.79
N GLU C 145 -12.59 -6.52 -11.59
CA GLU C 145 -12.32 -7.94 -11.75
C GLU C 145 -11.00 -8.05 -12.50
N LYS C 146 -10.81 -7.15 -13.45
CA LYS C 146 -9.58 -7.14 -14.24
C LYS C 146 -8.47 -6.45 -13.45
N ASP C 147 -8.82 -5.65 -12.45
CA ASP C 147 -7.79 -5.02 -11.64
C ASP C 147 -7.44 -6.07 -10.60
N SER C 148 -6.63 -7.03 -11.00
CA SER C 148 -6.22 -8.12 -10.11
C SER C 148 -5.62 -7.62 -8.81
N GLY C 149 -4.89 -6.51 -8.87
CA GLY C 149 -4.27 -5.95 -7.69
C GLY C 149 -5.29 -5.49 -6.66
N LEU C 150 -6.32 -4.79 -7.15
CA LEU C 150 -7.36 -4.29 -6.27
C LEU C 150 -8.08 -5.48 -5.62
N THR C 151 -8.60 -6.37 -6.47
CA THR C 151 -9.33 -7.55 -6.00
C THR C 151 -8.53 -8.41 -5.01
N THR C 152 -7.22 -8.54 -5.23
CA THR C 152 -6.38 -9.33 -4.32
C THR C 152 -6.20 -8.57 -3.00
N PHE C 153 -6.22 -7.24 -3.10
CA PHE C 153 -6.09 -6.40 -1.94
C PHE C 153 -7.31 -6.63 -1.07
N PHE C 154 -8.45 -6.81 -1.73
CA PHE C 154 -9.69 -7.03 -1.01
C PHE C 154 -9.75 -8.41 -0.36
N LYS C 155 -9.04 -9.37 -0.95
CA LYS C 155 -9.04 -10.72 -0.40
C LYS C 155 -8.07 -10.78 0.78
N MET C 156 -6.87 -10.27 0.57
CA MET C 156 -5.85 -10.32 1.60
C MET C 156 -6.23 -9.58 2.88
N VAL C 157 -6.77 -8.37 2.74
CA VAL C 157 -7.12 -7.61 3.92
C VAL C 157 -8.28 -8.20 4.72
N SER C 158 -9.30 -8.71 4.04
CA SER C 158 -10.44 -9.27 4.75
C SER C 158 -10.26 -10.72 5.20
N MET C 159 -9.45 -11.49 4.48
CA MET C 159 -9.25 -12.88 4.85
C MET C 159 -8.15 -13.10 5.87
N ARG C 160 -7.19 -12.19 5.94
CA ARG C 160 -6.10 -12.37 6.88
C ARG C 160 -5.92 -11.23 7.88
N ASP C 161 -5.66 -10.02 7.40
CA ASP C 161 -5.47 -8.88 8.28
C ASP C 161 -6.58 -8.76 9.30
N CYS C 162 -7.82 -8.78 8.81
CA CYS C 162 -9.03 -8.66 9.61
C CYS C 162 -9.24 -9.81 10.59
N LYS C 163 -8.88 -11.03 10.17
CA LYS C 163 -8.99 -12.21 11.03
C LYS C 163 -7.93 -12.08 12.13
N SER C 164 -6.83 -11.44 11.77
CA SER C 164 -5.71 -11.23 12.68
C SER C 164 -6.10 -10.28 13.81
N TRP C 165 -6.77 -9.18 13.48
CA TRP C 165 -7.15 -8.26 14.52
C TRP C 165 -8.26 -8.90 15.34
N LEU C 166 -9.09 -9.70 14.69
CA LEU C 166 -10.19 -10.37 15.40
C LEU C 166 -9.61 -11.31 16.44
N ARG C 167 -8.65 -12.11 16.01
CA ARG C 167 -7.98 -13.06 16.88
C ARG C 167 -7.34 -12.37 18.08
N ASP C 168 -6.58 -11.29 17.84
CA ASP C 168 -5.92 -10.58 18.93
C ASP C 168 -6.87 -9.86 19.88
N PHE C 169 -7.97 -9.30 19.37
CA PHE C 169 -8.92 -8.62 20.24
C PHE C 169 -9.55 -9.66 21.15
N LEU C 170 -9.92 -10.79 20.55
CA LEU C 170 -10.55 -11.88 21.27
C LEU C 170 -9.60 -12.50 22.30
N MET C 171 -8.43 -12.91 21.83
CA MET C 171 -7.44 -13.51 22.70
C MET C 171 -7.17 -12.58 23.89
N HIS C 172 -7.30 -11.28 23.63
CA HIS C 172 -7.10 -10.26 24.66
C HIS C 172 -8.37 -10.12 25.51
N ARG C 173 -9.53 -10.21 24.86
CA ARG C 173 -10.81 -10.10 25.53
C ARG C 173 -10.96 -11.17 26.60
N LYS C 174 -10.27 -12.29 26.42
CA LYS C 174 -10.37 -13.39 27.38
C LYS C 174 -9.37 -13.32 28.51
N LYS C 175 -8.09 -13.35 28.18
CA LYS C 175 -7.03 -13.29 29.18
C LYS C 175 -7.37 -12.38 30.35
N ARG C 176 -8.16 -11.34 30.09
CA ARG C 176 -8.60 -10.46 31.15
C ARG C 176 -9.55 -11.29 32.02
N LEU C 177 -10.68 -11.67 31.45
CA LEU C 177 -11.68 -12.49 32.14
C LEU C 177 -11.05 -13.71 32.81
N GLU C 178 -10.87 -14.79 32.06
CA GLU C 178 -10.25 -15.98 32.63
C GLU C 178 -8.75 -15.76 32.81
#